data_2J7X
#
_entry.id   2J7X
#
_cell.length_a   62.550
_cell.length_b   62.550
_cell.length_c   171.700
_cell.angle_alpha   90.00
_cell.angle_beta   90.00
_cell.angle_gamma   90.00
#
_symmetry.space_group_name_H-M   'P 41 2 2'
#
loop_
_entity.id
_entity.type
_entity.pdbx_description
1 polymer 'ESTROGEN RECEPTOR BETA'
2 polymer 'NUCLEAR RECEPTOR COACTIVATOR 5'
3 non-polymer ESTRADIOL
4 non-polymer 1,2-ETHANEDIOL
5 non-polymer 'SULFATE ION'
6 non-polymer 'BICARBONATE ION'
7 water water
#
loop_
_entity_poly.entity_id
_entity_poly.type
_entity_poly.pdbx_seq_one_letter_code
_entity_poly.pdbx_strand_id
1 'polypeptide(L)'
;VKELLLSTLSPEQLVLTLLEAEPPNVLVSRPSMPFTEASMMMSLTKLADKELVHMIGWAKKIPGFVELSLLDQVRLLESC
WMEVLMVGLMWRSIDHPGKLIFAPDLVLDRDEGKCVEGILEIFDMLLATTSRFRELKLQHKEYLCVKAMILLNSSMYPLA
SANQEAESSRKLTHLLNAVTDALVWVIAKSGISSQQQSVRLANLLMLLSHVRHISNKGMEHLLSMKCKNVVPVYDLLLEM
LNAHTLRGYKSSISG
;
A
2 'polypeptide(L)' HPPAIQSLINLLADNRY B
#
loop_
_chem_comp.id
_chem_comp.type
_chem_comp.name
_chem_comp.formula
BCT non-polymer 'BICARBONATE ION' 'C H O3 -1'
EDO non-polymer 1,2-ETHANEDIOL 'C2 H6 O2'
EST non-polymer ESTRADIOL 'C18 H24 O2'
SO4 non-polymer 'SULFATE ION' 'O4 S -2'
#
# COMPACT_ATOMS: atom_id res chain seq x y z
N THR A 8 -11.22 -6.33 -21.77
CA THR A 8 -11.41 -7.34 -20.69
C THR A 8 -10.45 -8.54 -20.80
N LEU A 9 -9.68 -8.76 -19.73
CA LEU A 9 -8.98 -10.00 -19.47
C LEU A 9 -9.90 -10.92 -18.69
N SER A 10 -9.61 -12.22 -18.67
CA SER A 10 -10.25 -13.07 -17.69
C SER A 10 -9.80 -12.65 -16.26
N PRO A 11 -10.57 -13.04 -15.22
CA PRO A 11 -10.09 -12.81 -13.85
C PRO A 11 -8.76 -13.50 -13.57
N GLU A 12 -8.58 -14.73 -14.06
CA GLU A 12 -7.29 -15.35 -13.87
C GLU A 12 -6.17 -14.63 -14.66
N GLN A 13 -6.45 -14.15 -15.86
CA GLN A 13 -5.45 -13.38 -16.60
C GLN A 13 -5.10 -12.11 -15.82
N LEU A 14 -6.11 -11.47 -15.26
CA LEU A 14 -5.89 -10.24 -14.49
C LEU A 14 -5.01 -10.47 -13.26
N VAL A 15 -5.33 -11.51 -12.51
CA VAL A 15 -4.54 -11.80 -11.30
C VAL A 15 -3.06 -12.11 -11.68
N LEU A 16 -2.83 -12.84 -12.75
CA LEU A 16 -1.48 -13.14 -13.20
C LEU A 16 -0.72 -11.90 -13.66
N THR A 17 -1.42 -10.93 -14.27
CA THR A 17 -0.83 -9.61 -14.58
C THR A 17 -0.43 -8.88 -13.30
N LEU A 18 -1.23 -8.98 -12.25
CA LEU A 18 -0.92 -8.33 -10.99
C LEU A 18 0.31 -8.96 -10.35
N LEU A 19 0.41 -10.28 -10.40
CA LEU A 19 1.60 -10.98 -9.89
C LEU A 19 2.86 -10.46 -10.58
N GLU A 20 2.83 -10.44 -11.90
CA GLU A 20 4.04 -10.05 -12.64
C GLU A 20 4.39 -8.57 -12.48
N ALA A 21 3.41 -7.78 -12.07
CA ALA A 21 3.62 -6.36 -11.81
C ALA A 21 4.39 -6.10 -10.51
N GLU A 22 4.55 -7.12 -9.66
CA GLU A 22 5.02 -6.91 -8.31
C GLU A 22 6.39 -6.23 -8.32
N PRO A 23 6.60 -5.26 -7.43
CA PRO A 23 7.86 -4.53 -7.46
C PRO A 23 9.04 -5.33 -6.92
N PRO A 24 10.27 -4.92 -7.26
CA PRO A 24 11.43 -5.53 -6.62
C PRO A 24 11.40 -5.26 -5.12
N ASN A 25 12.04 -6.13 -4.35
CA ASN A 25 12.28 -5.85 -2.95
C ASN A 25 13.48 -4.89 -2.77
N VAL A 26 13.44 -4.12 -1.70
CA VAL A 26 14.45 -3.14 -1.39
C VAL A 26 15.01 -3.43 0.01
N LEU A 27 16.27 -3.10 0.18
CA LEU A 27 16.97 -3.18 1.45
C LEU A 27 17.34 -1.76 1.88
N VAL A 28 17.28 -1.49 3.18
CA VAL A 28 17.69 -0.18 3.71
C VAL A 28 19.20 -0.17 3.98
N SER A 29 19.69 -1.17 4.72
CA SER A 29 21.12 -1.30 5.11
C SER A 29 21.32 -1.17 6.63
N MET A 33 25.04 0.73 14.60
CA MET A 33 24.57 1.44 15.79
C MET A 33 23.12 1.03 16.16
N PRO A 34 22.80 1.02 17.48
CA PRO A 34 21.40 0.78 17.93
C PRO A 34 20.52 2.01 17.70
N PHE A 35 19.20 1.80 17.61
CA PHE A 35 18.28 2.85 17.16
C PHE A 35 18.14 4.05 18.10
N THR A 36 18.13 5.25 17.53
CA THR A 36 17.61 6.45 18.17
C THR A 36 16.30 6.83 17.45
N GLU A 37 15.61 7.84 17.97
CA GLU A 37 14.45 8.40 17.26
C GLU A 37 14.87 8.82 15.84
N ALA A 38 16.02 9.50 15.77
CA ALA A 38 16.59 9.99 14.51
C ALA A 38 16.92 8.89 13.49
N SER A 39 17.66 7.87 13.92
CA SER A 39 18.13 6.82 13.00
C SER A 39 17.04 5.85 12.57
N MET A 40 16.05 5.60 13.45
CA MET A 40 14.91 4.78 13.07
C MET A 40 14.11 5.48 11.97
N MET A 41 13.82 6.77 12.14
CA MET A 41 13.08 7.53 11.13
C MET A 41 13.85 7.65 9.81
N MET A 42 15.17 7.78 9.90
CA MET A 42 16.04 7.82 8.74
C MET A 42 15.94 6.52 7.96
N SER A 43 16.05 5.39 8.66
CA SER A 43 15.91 4.09 8.00
C SER A 43 14.53 3.90 7.37
N LEU A 44 13.47 4.29 8.08
CA LEU A 44 12.11 4.10 7.58
C LEU A 44 11.79 5.04 6.41
N THR A 45 12.25 6.28 6.47
CA THR A 45 12.01 7.23 5.39
C THR A 45 12.86 6.90 4.14
N LYS A 46 14.10 6.49 4.34
CA LYS A 46 14.95 6.00 3.27
C LYS A 46 14.30 4.84 2.51
N LEU A 47 13.81 3.88 3.29
CA LEU A 47 13.08 2.74 2.77
C LEU A 47 11.85 3.17 1.98
N ALA A 48 11.05 4.05 2.57
CA ALA A 48 9.80 4.48 1.94
C ALA A 48 10.08 5.12 0.57
N ASP A 49 11.09 5.96 0.52
CA ASP A 49 11.46 6.66 -0.71
C ASP A 49 11.87 5.71 -1.83
N LYS A 50 12.68 4.70 -1.50
CA LYS A 50 13.06 3.66 -2.45
C LYS A 50 11.84 2.88 -2.96
N GLU A 51 10.95 2.51 -2.05
CA GLU A 51 9.74 1.80 -2.41
C GLU A 51 8.84 2.61 -3.32
N LEU A 52 8.75 3.89 -3.06
CA LEU A 52 7.94 4.79 -3.87
C LEU A 52 8.35 4.79 -5.34
N VAL A 53 9.66 4.73 -5.59
CA VAL A 53 10.18 4.66 -6.94
C VAL A 53 9.61 3.42 -7.64
N HIS A 54 9.65 2.29 -6.96
CA HIS A 54 9.18 1.04 -7.53
C HIS A 54 7.67 1.00 -7.59
N MET A 55 7.01 1.71 -6.71
CA MET A 55 5.56 1.75 -6.70
C MET A 55 5.02 2.37 -7.98
N ILE A 56 5.69 3.38 -8.52
CA ILE A 56 5.21 4.03 -9.73
C ILE A 56 5.32 3.06 -10.89
N GLY A 57 6.42 2.30 -10.94
CA GLY A 57 6.59 1.30 -12.00
C GLY A 57 5.57 0.17 -11.90
N TRP A 58 5.23 -0.20 -10.68
CA TRP A 58 4.20 -1.19 -10.42
C TRP A 58 2.85 -0.71 -10.93
N ALA A 59 2.47 0.51 -10.56
CA ALA A 59 1.19 1.08 -10.99
C ALA A 59 1.09 1.05 -12.52
N LYS A 60 2.17 1.35 -13.19
CA LYS A 60 2.19 1.38 -14.65
C LYS A 60 1.96 0.01 -15.31
N LYS A 61 2.17 -1.06 -14.56
CA LYS A 61 1.93 -2.43 -15.03
C LYS A 61 0.50 -2.93 -14.71
N ILE A 62 -0.30 -2.13 -14.01
CA ILE A 62 -1.67 -2.52 -13.70
C ILE A 62 -2.43 -2.19 -14.95
N PRO A 63 -3.11 -3.18 -15.54
CA PRO A 63 -3.57 -2.94 -16.90
C PRO A 63 -4.66 -1.86 -16.94
N GLY A 64 -4.58 -1.00 -17.94
CA GLY A 64 -5.44 0.17 -18.02
C GLY A 64 -4.85 1.40 -17.36
N PHE A 65 -3.97 1.25 -16.36
CA PHE A 65 -3.55 2.39 -15.56
C PHE A 65 -2.98 3.52 -16.43
N VAL A 66 -2.11 3.18 -17.38
CA VAL A 66 -1.48 4.19 -18.22
C VAL A 66 -2.38 4.77 -19.32
N GLU A 67 -3.56 4.16 -19.54
CA GLU A 67 -4.63 4.72 -20.40
C GLU A 67 -5.48 5.81 -19.69
N LEU A 68 -5.36 5.91 -18.38
CA LEU A 68 -6.01 6.99 -17.63
C LEU A 68 -5.31 8.31 -17.95
N SER A 69 -6.01 9.43 -17.77
CA SER A 69 -5.36 10.73 -17.91
C SER A 69 -4.19 10.83 -16.93
N LEU A 70 -3.17 11.57 -17.32
CA LEU A 70 -1.99 11.72 -16.47
C LEU A 70 -2.37 12.34 -15.13
N LEU A 71 -3.33 13.26 -15.14
CA LEU A 71 -3.80 13.85 -13.89
C LEU A 71 -4.40 12.82 -12.94
N ASP A 72 -5.23 11.94 -13.47
CA ASP A 72 -5.73 10.79 -12.69
C ASP A 72 -4.63 9.89 -12.21
N GLN A 73 -3.66 9.60 -13.05
CA GLN A 73 -2.57 8.74 -12.59
C GLN A 73 -1.86 9.38 -11.42
N VAL A 74 -1.53 10.66 -11.57
CA VAL A 74 -0.91 11.42 -10.49
C VAL A 74 -1.79 11.44 -9.20
N ARG A 75 -3.08 11.72 -9.33
CA ARG A 75 -3.93 11.87 -8.15
C ARG A 75 -4.18 10.54 -7.46
N LEU A 76 -4.29 9.47 -8.22
CA LEU A 76 -4.43 8.15 -7.64
C LEU A 76 -3.22 7.82 -6.76
N LEU A 77 -2.01 8.02 -7.28
CA LEU A 77 -0.80 7.75 -6.50
C LEU A 77 -0.59 8.69 -5.33
N GLU A 78 -0.81 10.01 -5.48
CA GLU A 78 -0.78 10.94 -4.36
C GLU A 78 -1.76 10.51 -3.23
N SER A 79 -2.93 10.01 -3.61
CA SER A 79 -3.95 9.61 -2.66
C SER A 79 -3.61 8.31 -1.91
N CYS A 80 -3.06 7.30 -2.59
CA CYS A 80 -2.95 5.98 -1.98
C CYS A 80 -1.58 5.50 -1.57
N TRP A 81 -0.52 6.26 -1.86
CA TRP A 81 0.83 5.71 -1.71
C TRP A 81 1.16 5.13 -0.32
N MET A 82 0.69 5.77 0.73
CA MET A 82 0.98 5.31 2.10
C MET A 82 0.19 4.04 2.45
N GLU A 83 -1.04 3.94 1.96
CA GLU A 83 -1.84 2.73 2.08
C GLU A 83 -1.20 1.54 1.39
N VAL A 84 -0.67 1.77 0.18
CA VAL A 84 0.08 0.76 -0.53
C VAL A 84 1.36 0.34 0.20
N LEU A 85 2.13 1.29 0.75
CA LEU A 85 3.30 0.94 1.59
C LEU A 85 2.91 0.03 2.77
N MET A 86 1.78 0.38 3.40
CA MET A 86 1.30 -0.25 4.62
C MET A 86 0.74 -1.62 4.37
N VAL A 87 -0.01 -1.81 3.28
CA VAL A 87 -0.54 -3.12 2.98
C VAL A 87 0.58 -4.07 2.57
N GLY A 88 1.57 -3.56 1.84
CA GLY A 88 2.80 -4.31 1.57
C GLY A 88 3.48 -4.79 2.86
N LEU A 89 3.68 -3.86 3.80
CA LEU A 89 4.21 -4.18 5.13
C LEU A 89 3.40 -5.26 5.85
N MET A 90 2.07 -5.12 5.87
CA MET A 90 1.21 -6.12 6.54
C MET A 90 1.39 -7.50 5.91
N TRP A 91 1.42 -7.53 4.59
CA TRP A 91 1.65 -8.78 3.86
C TRP A 91 2.99 -9.41 4.17
N ARG A 92 4.06 -8.61 4.14
CA ARG A 92 5.37 -9.14 4.56
C ARG A 92 5.39 -9.65 6.00
N SER A 93 4.51 -9.11 6.85
CA SER A 93 4.54 -9.38 8.29
C SER A 93 3.51 -10.45 8.73
N ILE A 94 2.69 -10.91 7.80
CA ILE A 94 1.48 -11.64 8.14
C ILE A 94 1.74 -12.93 8.91
N ASP A 95 2.86 -13.58 8.65
CA ASP A 95 3.11 -14.83 9.35
C ASP A 95 4.13 -14.67 10.45
N HIS A 96 4.25 -13.45 11.01
CA HIS A 96 5.17 -13.23 12.14
C HIS A 96 4.54 -12.35 13.21
N PRO A 97 3.72 -12.93 14.11
CA PRO A 97 3.07 -12.22 15.20
C PRO A 97 4.06 -11.35 15.97
N GLY A 98 3.71 -10.09 16.18
CA GLY A 98 4.54 -9.15 16.97
C GLY A 98 5.70 -8.49 16.24
N LYS A 99 5.84 -8.74 14.95
CA LYS A 99 6.97 -8.20 14.19
C LYS A 99 6.47 -7.48 12.98
N LEU A 100 7.13 -6.39 12.62
CA LEU A 100 6.88 -5.67 11.39
C LEU A 100 8.11 -5.91 10.49
N ILE A 101 7.90 -6.62 9.38
CA ILE A 101 9.01 -6.90 8.46
C ILE A 101 9.04 -5.77 7.44
N PHE A 102 9.71 -4.67 7.79
CA PHE A 102 9.75 -3.49 6.90
C PHE A 102 10.54 -3.80 5.64
N ALA A 103 11.63 -4.52 5.83
CA ALA A 103 12.45 -5.00 4.73
C ALA A 103 13.36 -6.09 5.26
N PRO A 104 13.99 -6.87 4.38
CA PRO A 104 15.04 -7.71 4.90
C PRO A 104 16.09 -6.86 5.62
N ASP A 105 16.51 -7.28 6.80
CA ASP A 105 17.48 -6.48 7.59
C ASP A 105 16.87 -5.17 8.16
N LEU A 106 15.54 -5.05 8.10
CA LEU A 106 14.80 -4.08 8.93
C LEU A 106 13.50 -4.71 9.44
N VAL A 107 13.68 -5.58 10.44
CA VAL A 107 12.59 -6.32 11.07
C VAL A 107 12.46 -5.75 12.47
N LEU A 108 11.30 -5.16 12.79
CA LEU A 108 11.12 -4.47 14.08
C LEU A 108 10.13 -5.19 15.00
N ASP A 109 10.54 -5.44 16.24
CA ASP A 109 9.65 -5.94 17.29
C ASP A 109 8.70 -4.81 17.64
N ARG A 110 7.50 -5.18 18.09
CA ARG A 110 6.52 -4.18 18.49
C ARG A 110 7.10 -3.14 19.46
N ASP A 111 7.90 -3.59 20.44
CA ASP A 111 8.45 -2.71 21.46
C ASP A 111 9.45 -1.67 20.95
N GLU A 112 9.98 -1.88 19.75
CA GLU A 112 10.93 -0.92 19.16
C GLU A 112 10.26 0.38 18.69
N GLY A 113 8.92 0.40 18.65
CA GLY A 113 8.19 1.64 18.43
C GLY A 113 8.37 2.66 19.54
N LYS A 114 8.83 2.21 20.70
CA LYS A 114 9.12 3.12 21.81
C LYS A 114 10.26 4.10 21.49
N CYS A 115 11.11 3.77 20.52
CA CYS A 115 12.22 4.66 20.10
C CYS A 115 11.77 5.95 19.41
N VAL A 116 10.58 5.95 18.80
CA VAL A 116 10.12 7.14 18.09
C VAL A 116 8.83 7.68 18.69
N GLU A 117 8.81 8.97 19.02
CA GLU A 117 7.63 9.57 19.61
C GLU A 117 6.46 9.38 18.67
N GLY A 118 5.34 8.86 19.20
CA GLY A 118 4.09 8.71 18.44
C GLY A 118 3.97 7.47 17.56
N ILE A 119 5.07 6.80 17.27
CA ILE A 119 5.02 5.72 16.28
C ILE A 119 4.48 4.41 16.85
N LEU A 120 4.56 4.21 18.18
CA LEU A 120 4.09 2.95 18.78
C LEU A 120 2.59 2.72 18.56
N GLU A 121 1.81 3.79 18.67
CA GLU A 121 0.37 3.71 18.42
C GLU A 121 0.11 3.20 17.01
N ILE A 122 0.89 3.70 16.05
CA ILE A 122 0.78 3.32 14.63
C ILE A 122 1.25 1.87 14.39
N PHE A 123 2.38 1.51 14.97
CA PHE A 123 2.84 0.12 14.95
C PHE A 123 1.75 -0.81 15.44
N ASP A 124 1.09 -0.47 16.56
CA ASP A 124 0.06 -1.37 17.11
C ASP A 124 -1.12 -1.51 16.18
N MET A 125 -1.47 -0.43 15.49
CA MET A 125 -2.57 -0.45 14.52
C MET A 125 -2.19 -1.31 13.32
N LEU A 126 -0.95 -1.17 12.86
CA LEU A 126 -0.43 -1.99 11.75
C LEU A 126 -0.38 -3.47 12.12
N LEU A 127 0.08 -3.75 13.33
CA LEU A 127 0.10 -5.11 13.86
C LEU A 127 -1.30 -5.72 14.05
N ALA A 128 -2.25 -4.93 14.57
CA ALA A 128 -3.63 -5.41 14.74
C ALA A 128 -4.27 -5.70 13.39
N THR A 129 -4.09 -4.82 12.40
CA THR A 129 -4.59 -5.09 11.06
C THR A 129 -3.94 -6.32 10.42
N THR A 130 -2.63 -6.45 10.57
CA THR A 130 -1.94 -7.63 10.10
C THR A 130 -2.50 -8.88 10.77
N SER A 131 -2.76 -8.81 12.08
CA SER A 131 -3.38 -9.92 12.79
C SER A 131 -4.76 -10.29 12.24
N ARG A 132 -5.57 -9.33 11.81
CA ARG A 132 -6.86 -9.68 11.21
C ARG A 132 -6.67 -10.38 9.86
N PHE A 133 -5.73 -9.92 9.05
CA PHE A 133 -5.40 -10.59 7.79
C PHE A 133 -4.93 -12.02 8.01
N ARG A 134 -4.09 -12.23 9.02
CA ARG A 134 -3.64 -13.56 9.39
C ARG A 134 -4.84 -14.42 9.78
N GLU A 135 -5.69 -13.94 10.69
CA GLU A 135 -6.87 -14.73 11.10
C GLU A 135 -7.78 -15.07 9.93
N LEU A 136 -7.91 -14.13 8.98
CA LEU A 136 -8.67 -14.36 7.75
C LEU A 136 -7.98 -15.32 6.81
N LYS A 137 -6.70 -15.57 7.04
CA LYS A 137 -5.87 -16.36 6.13
C LYS A 137 -5.91 -15.76 4.71
N LEU A 138 -5.53 -14.50 4.63
CA LEU A 138 -5.50 -13.77 3.36
C LEU A 138 -4.65 -14.56 2.38
N GLN A 139 -5.17 -14.77 1.17
CA GLN A 139 -4.48 -15.55 0.15
C GLN A 139 -3.61 -14.65 -0.70
N HIS A 140 -2.65 -15.26 -1.39
CA HIS A 140 -1.77 -14.50 -2.30
C HIS A 140 -2.58 -13.76 -3.35
N LYS A 141 -3.53 -14.48 -3.96
CA LYS A 141 -4.38 -13.91 -4.98
C LYS A 141 -5.24 -12.75 -4.49
N GLU A 142 -5.74 -12.86 -3.25
CA GLU A 142 -6.54 -11.82 -2.62
C GLU A 142 -5.70 -10.59 -2.33
N TYR A 143 -4.49 -10.81 -1.82
CA TYR A 143 -3.58 -9.70 -1.57
C TYR A 143 -3.31 -8.90 -2.81
N LEU A 144 -3.01 -9.58 -3.91
CA LEU A 144 -2.75 -8.89 -5.17
C LEU A 144 -3.94 -8.01 -5.57
N CYS A 145 -5.15 -8.57 -5.48
CA CYS A 145 -6.37 -7.83 -5.83
C CYS A 145 -6.58 -6.64 -4.93
N VAL A 146 -6.49 -6.83 -3.62
CA VAL A 146 -6.72 -5.71 -2.72
C VAL A 146 -5.72 -4.56 -2.86
N LYS A 147 -4.44 -4.86 -3.11
CA LYS A 147 -3.45 -3.83 -3.32
C LYS A 147 -3.78 -3.03 -4.60
N ALA A 148 -4.19 -3.73 -5.67
CA ALA A 148 -4.65 -3.07 -6.88
C ALA A 148 -5.93 -2.25 -6.66
N MET A 149 -6.85 -2.76 -5.85
CA MET A 149 -8.06 -2.01 -5.53
C MET A 149 -7.77 -0.73 -4.77
N ILE A 150 -6.82 -0.79 -3.86
CA ILE A 150 -6.39 0.40 -3.13
C ILE A 150 -5.92 1.47 -4.14
N LEU A 151 -5.05 1.10 -5.06
CA LEU A 151 -4.57 2.03 -6.09
C LEU A 151 -5.72 2.64 -6.88
N LEU A 152 -6.66 1.81 -7.33
CA LEU A 152 -7.71 2.21 -8.25
C LEU A 152 -8.90 2.87 -7.55
N ASN A 153 -8.71 3.17 -6.27
CA ASN A 153 -9.59 4.08 -5.56
C ASN A 153 -10.88 3.42 -5.16
N SER A 154 -10.77 2.17 -4.72
CA SER A 154 -11.87 1.48 -4.04
C SER A 154 -12.46 2.36 -2.93
N SER A 155 -11.63 3.20 -2.31
CA SER A 155 -12.04 4.10 -1.23
C SER A 155 -12.93 5.26 -1.75
N MET A 156 -12.82 5.56 -3.05
CA MET A 156 -13.67 6.55 -3.71
C MET A 156 -13.38 7.96 -3.20
N TYR A 157 -12.10 8.23 -2.96
CA TYR A 157 -11.67 9.59 -2.67
C TYR A 157 -11.99 10.44 -3.91
N PRO A 158 -12.62 11.63 -3.72
CA PRO A 158 -12.94 12.43 -4.90
C PRO A 158 -11.63 12.94 -5.52
N LEU A 159 -11.32 12.47 -6.72
CA LEU A 159 -10.12 12.97 -7.42
C LEU A 159 -10.37 14.35 -8.01
N ALA A 166 -14.54 13.11 -18.92
CA ALA A 166 -15.36 11.97 -18.53
C ALA A 166 -14.65 10.64 -18.84
N GLU A 167 -13.92 10.59 -19.95
CA GLU A 167 -13.36 9.32 -20.45
C GLU A 167 -12.44 8.60 -19.45
N SER A 168 -11.58 9.35 -18.79
CA SER A 168 -10.64 8.76 -17.83
C SER A 168 -11.39 8.20 -16.62
N SER A 169 -12.38 8.95 -16.13
CA SER A 169 -13.25 8.51 -15.03
C SER A 169 -14.00 7.24 -15.38
N ARG A 170 -14.55 7.15 -16.59
CA ARG A 170 -15.28 5.96 -17.01
C ARG A 170 -14.35 4.77 -17.08
N LYS A 171 -13.17 4.99 -17.64
CA LYS A 171 -12.15 3.96 -17.71
C LYS A 171 -11.76 3.46 -16.31
N LEU A 172 -11.52 4.39 -15.39
CA LEU A 172 -11.14 4.05 -14.04
C LEU A 172 -12.19 3.14 -13.38
N THR A 173 -13.46 3.50 -13.52
CA THR A 173 -14.56 2.66 -13.00
C THR A 173 -14.49 1.22 -13.53
N HIS A 174 -14.29 1.10 -14.84
CA HIS A 174 -14.09 -0.20 -15.50
C HIS A 174 -12.94 -0.98 -14.90
N LEU A 175 -11.82 -0.30 -14.66
CA LEU A 175 -10.64 -0.94 -14.11
C LEU A 175 -10.86 -1.41 -12.69
N LEU A 176 -11.46 -0.56 -11.88
CA LEU A 176 -11.75 -0.96 -10.50
C LEU A 176 -12.81 -2.10 -10.48
N ASN A 177 -13.82 -2.00 -11.33
CA ASN A 177 -14.81 -3.08 -11.41
C ASN A 177 -14.18 -4.41 -11.77
N ALA A 178 -13.21 -4.40 -12.69
CA ALA A 178 -12.52 -5.61 -13.16
C ALA A 178 -11.73 -6.24 -11.99
N VAL A 179 -11.00 -5.45 -11.24
CA VAL A 179 -10.26 -5.98 -10.10
C VAL A 179 -11.20 -6.47 -9.00
N THR A 180 -12.30 -5.76 -8.78
CA THR A 180 -13.34 -6.27 -7.82
C THR A 180 -13.91 -7.61 -8.26
N ASP A 181 -14.21 -7.75 -9.56
CA ASP A 181 -14.72 -9.00 -10.09
C ASP A 181 -13.69 -10.09 -9.88
N ALA A 182 -12.43 -9.79 -10.08
CA ALA A 182 -11.38 -10.80 -9.86
C ALA A 182 -11.29 -11.23 -8.39
N LEU A 183 -11.43 -10.31 -7.46
CA LEU A 183 -11.43 -10.66 -6.03
C LEU A 183 -12.65 -11.54 -5.68
N VAL A 184 -13.80 -11.19 -6.25
CA VAL A 184 -14.99 -11.98 -6.06
C VAL A 184 -14.76 -13.39 -6.60
N TRP A 185 -14.14 -13.48 -7.77
CA TRP A 185 -13.83 -14.78 -8.38
C TRP A 185 -12.85 -15.59 -7.50
N VAL A 186 -11.83 -14.95 -6.97
CA VAL A 186 -10.88 -15.62 -6.08
C VAL A 186 -11.62 -16.16 -4.89
N ILE A 187 -12.48 -15.34 -4.31
CA ILE A 187 -13.23 -15.78 -3.12
C ILE A 187 -14.15 -16.95 -3.45
N ALA A 188 -14.81 -16.90 -4.59
CA ALA A 188 -15.67 -18.01 -5.06
C ALA A 188 -14.92 -19.35 -5.17
N LYS A 189 -13.63 -19.31 -5.46
CA LYS A 189 -12.85 -20.55 -5.66
C LYS A 189 -12.61 -21.26 -4.35
N SER A 190 -12.73 -20.53 -3.23
CA SER A 190 -12.52 -21.09 -1.91
C SER A 190 -13.54 -22.14 -1.57
N GLY A 191 -14.69 -22.10 -2.25
CA GLY A 191 -15.70 -23.12 -2.08
C GLY A 191 -16.58 -22.91 -0.88
N ILE A 192 -16.35 -21.85 -0.09
CA ILE A 192 -17.15 -21.62 1.11
C ILE A 192 -18.54 -21.13 0.67
N SER A 193 -19.48 -21.08 1.60
CA SER A 193 -20.85 -20.74 1.30
C SER A 193 -20.97 -19.33 0.73
N SER A 194 -22.01 -19.09 -0.05
CA SER A 194 -22.25 -17.77 -0.62
C SER A 194 -22.36 -16.70 0.48
N GLN A 195 -23.00 -17.02 1.59
CA GLN A 195 -23.10 -16.13 2.76
C GLN A 195 -21.71 -15.76 3.27
N GLN A 196 -20.85 -16.77 3.41
CA GLN A 196 -19.49 -16.56 3.94
C GLN A 196 -18.58 -15.82 2.95
N GLN A 197 -18.81 -16.01 1.66
CA GLN A 197 -18.11 -15.30 0.63
C GLN A 197 -18.39 -13.80 0.66
N SER A 198 -19.65 -13.47 0.90
CA SER A 198 -20.11 -12.10 1.04
C SER A 198 -19.52 -11.45 2.30
N VAL A 199 -19.57 -12.17 3.42
CA VAL A 199 -19.01 -11.66 4.66
C VAL A 199 -17.50 -11.49 4.52
N ARG A 200 -16.82 -12.43 3.87
CA ARG A 200 -15.37 -12.31 3.65
C ARG A 200 -15.03 -11.05 2.86
N LEU A 201 -15.76 -10.82 1.78
CA LEU A 201 -15.60 -9.63 0.98
C LEU A 201 -15.84 -8.36 1.78
N ALA A 202 -16.92 -8.32 2.56
CA ALA A 202 -17.19 -7.15 3.41
C ALA A 202 -16.02 -6.93 4.38
N ASN A 203 -15.56 -7.99 5.03
CA ASN A 203 -14.47 -7.85 6.01
C ASN A 203 -13.20 -7.28 5.34
N LEU A 204 -12.85 -7.80 4.18
CA LEU A 204 -11.65 -7.30 3.48
C LEU A 204 -11.80 -5.83 3.13
N LEU A 205 -12.97 -5.47 2.63
CA LEU A 205 -13.22 -4.07 2.26
C LEU A 205 -13.21 -3.14 3.47
N MET A 206 -13.78 -3.59 4.59
CA MET A 206 -13.74 -2.78 5.83
C MET A 206 -12.27 -2.68 6.33
N LEU A 207 -11.48 -3.71 6.15
CA LEU A 207 -10.03 -3.62 6.43
C LEU A 207 -9.26 -2.60 5.58
N LEU A 208 -9.57 -2.51 4.29
CA LEU A 208 -9.02 -1.49 3.40
C LEU A 208 -9.35 -0.11 3.91
N SER A 209 -10.58 0.05 4.36
CA SER A 209 -11.01 1.31 4.92
C SER A 209 -10.20 1.66 6.19
N HIS A 210 -9.94 0.65 7.02
CA HIS A 210 -9.08 0.85 8.17
C HIS A 210 -7.65 1.21 7.77
N VAL A 211 -7.14 0.61 6.71
CA VAL A 211 -5.78 0.94 6.28
C VAL A 211 -5.70 2.42 5.88
N ARG A 212 -6.76 2.94 5.25
CA ARG A 212 -6.83 4.36 4.88
C ARG A 212 -6.71 5.25 6.08
N HIS A 213 -7.40 4.88 7.15
CA HIS A 213 -7.33 5.63 8.39
C HIS A 213 -5.93 5.54 9.00
N ILE A 214 -5.29 4.37 9.03
CA ILE A 214 -3.91 4.26 9.53
C ILE A 214 -2.97 5.13 8.68
N SER A 215 -3.19 5.14 7.37
CA SER A 215 -2.41 5.97 6.47
C SER A 215 -2.50 7.44 6.80
N ASN A 216 -3.70 7.94 7.10
CA ASN A 216 -3.89 9.34 7.53
C ASN A 216 -3.05 9.65 8.78
N LYS A 217 -3.09 8.74 9.75
CA LYS A 217 -2.26 8.81 10.96
C LYS A 217 -0.76 8.84 10.64
N GLY A 218 -0.32 7.93 9.77
CA GLY A 218 1.07 7.86 9.33
C GLY A 218 1.52 9.16 8.71
N MET A 219 0.67 9.70 7.86
CA MET A 219 0.99 10.92 7.13
C MET A 219 1.19 12.09 8.06
N GLU A 220 0.22 12.22 8.96
CA GLU A 220 0.27 13.17 10.07
C GLU A 220 1.58 13.08 10.83
N HIS A 221 1.94 11.87 11.23
CA HIS A 221 3.15 11.61 12.01
C HIS A 221 4.43 12.01 11.26
N LEU A 222 4.51 11.64 9.99
CA LEU A 222 5.66 11.97 9.16
C LEU A 222 5.76 13.49 8.98
N LEU A 223 4.65 14.16 8.69
CA LEU A 223 4.67 15.62 8.60
C LEU A 223 5.12 16.26 9.91
N SER A 224 4.74 15.66 11.04
CA SER A 224 5.20 16.17 12.34
C SER A 224 6.70 15.98 12.50
N MET A 225 7.20 14.77 12.23
CA MET A 225 8.63 14.48 12.29
C MET A 225 9.46 15.42 11.40
N LYS A 226 8.98 15.68 10.19
CA LYS A 226 9.64 16.63 9.28
C LYS A 226 9.70 18.02 9.90
N CYS A 227 8.55 18.48 10.41
CA CYS A 227 8.42 19.81 11.02
C CYS A 227 9.32 20.03 12.23
N LYS A 228 9.34 19.04 13.13
CA LYS A 228 10.18 19.09 14.31
C LYS A 228 11.67 18.88 14.00
N ASN A 229 12.00 18.78 12.70
CA ASN A 229 13.37 18.57 12.23
C ASN A 229 14.01 17.31 12.81
N VAL A 230 13.15 16.32 13.08
CA VAL A 230 13.59 15.05 13.62
C VAL A 230 14.25 14.25 12.50
N VAL A 231 13.66 14.33 11.30
CA VAL A 231 14.19 13.66 10.11
C VAL A 231 14.03 14.56 8.89
N PRO A 232 15.05 14.60 8.02
CA PRO A 232 14.89 15.28 6.74
C PRO A 232 14.01 14.45 5.83
N VAL A 233 13.24 15.11 4.96
CA VAL A 233 12.48 14.40 3.95
C VAL A 233 12.84 14.94 2.57
N TYR A 234 13.37 14.06 1.71
CA TYR A 234 13.88 14.44 0.40
C TYR A 234 13.15 13.75 -0.75
N ASP A 235 13.27 14.38 -1.93
CA ASP A 235 13.05 13.72 -3.22
C ASP A 235 11.62 13.18 -3.38
N LEU A 236 11.47 11.93 -3.83
CA LEU A 236 10.14 11.46 -4.18
C LEU A 236 9.22 11.43 -2.97
N LEU A 237 9.75 11.02 -1.82
CA LEU A 237 8.95 10.98 -0.59
C LEU A 237 8.50 12.38 -0.22
N LEU A 238 9.40 13.35 -0.33
CA LEU A 238 9.02 14.75 -0.10
C LEU A 238 7.91 15.15 -1.05
N GLU A 239 8.09 14.88 -2.34
CA GLU A 239 7.05 15.19 -3.34
C GLU A 239 5.70 14.58 -2.94
N MET A 240 5.69 13.30 -2.58
CA MET A 240 4.45 12.60 -2.21
C MET A 240 3.86 13.12 -0.89
N LEU A 241 4.73 13.47 0.05
CA LEU A 241 4.28 14.05 1.32
C LEU A 241 3.72 15.47 1.15
N ASN A 242 4.35 16.25 0.27
CA ASN A 242 3.88 17.61 -0.03
C ASN A 242 2.44 17.68 -0.57
N ALA A 243 1.92 16.58 -1.10
CA ALA A 243 0.59 16.54 -1.69
C ALA A 243 -0.54 16.42 -0.65
N HIS A 244 -0.24 15.93 0.55
CA HIS A 244 -1.25 15.81 1.61
C HIS A 244 -1.56 17.16 2.26
N ILE B 5 16.03 11.60 -6.91
CA ILE B 5 16.38 12.62 -7.96
C ILE B 5 15.25 12.76 -8.99
N GLN B 6 14.57 11.65 -9.28
CA GLN B 6 13.53 11.62 -10.32
C GLN B 6 12.14 11.79 -9.72
N SER B 7 11.31 12.59 -10.39
CA SER B 7 10.04 13.05 -9.85
C SER B 7 8.89 12.14 -10.27
N LEU B 8 7.71 12.37 -9.69
CA LEU B 8 6.53 11.55 -9.96
C LEU B 8 6.16 11.55 -11.43
N ILE B 9 6.04 12.73 -12.02
CA ILE B 9 5.67 12.86 -13.42
C ILE B 9 6.74 12.28 -14.35
N ASN B 10 8.02 12.51 -14.05
CA ASN B 10 9.09 11.96 -14.88
C ASN B 10 9.06 10.42 -14.84
N LEU B 11 8.83 9.87 -13.64
CA LEU B 11 8.67 8.42 -13.43
C LEU B 11 7.43 7.86 -14.14
N LEU B 12 6.35 8.64 -14.15
CA LEU B 12 5.12 8.24 -14.83
C LEU B 12 5.24 8.29 -16.36
N ALA B 13 5.88 9.35 -16.84
CA ALA B 13 6.00 9.61 -18.28
C ALA B 13 6.99 8.72 -19.01
N ASP B 14 8.10 8.40 -18.36
CA ASP B 14 9.28 7.90 -19.09
C ASP B 14 9.45 6.38 -19.07
N ASN B 15 10.35 5.88 -19.91
CA ASN B 15 10.73 4.46 -20.00
C ASN B 15 9.78 3.66 -20.89
C1 EST C . 8.08 2.60 5.64
C2 EST C . 8.10 1.58 4.67
C3 EST C . 6.98 0.76 4.44
O3 EST C . 7.07 -0.20 3.46
C4 EST C . 5.82 0.95 5.20
C5 EST C . 5.75 1.95 6.20
C6 EST C . 4.49 2.13 7.02
C7 EST C . 4.76 2.93 8.30
C8 EST C . 5.47 4.24 7.94
C9 EST C . 6.91 3.91 7.49
C10 EST C . 6.93 2.83 6.42
C11 EST C . 7.58 5.23 7.08
C12 EST C . 7.63 6.23 8.25
C13 EST C . 6.23 6.56 8.74
C14 EST C . 5.58 5.23 9.13
C15 EST C . 4.34 5.66 9.88
C16 EST C . 4.78 6.94 10.63
C17 EST C . 6.14 7.34 10.06
O17 EST C . 6.26 8.77 9.86
C18 EST C . 5.42 7.29 7.66
C1 EDO D . 5.20 -7.71 -0.26
O1 EDO D . 5.83 -6.44 -0.13
C2 EDO D . 5.10 -8.08 -1.73
O2 EDO D . 4.14 -7.24 -2.38
C1 EDO E . 7.19 -3.58 -1.91
O1 EDO E . 8.34 -2.75 -1.65
C2 EDO E . 7.56 -4.99 -2.34
O2 EDO E . 8.30 -5.68 -1.31
C1 EDO F . 3.15 -13.29 2.68
O1 EDO F . 4.25 -12.88 3.46
C2 EDO F . 2.94 -14.80 2.75
O2 EDO F . 4.09 -15.41 2.14
C1 EDO G . 14.07 10.25 1.43
O1 EDO G . 13.66 11.16 2.46
C2 EDO G . 15.60 10.08 1.45
O2 EDO G . 16.13 10.40 0.15
S SO4 H . -4.46 14.07 -20.43
O1 SO4 H . -3.64 13.21 -19.58
O2 SO4 H . -4.45 15.43 -19.90
O3 SO4 H . -3.92 14.08 -21.78
O4 SO4 H . -5.82 13.50 -20.62
C BCT I . 10.84 -4.25 0.82
O1 BCT I . 11.29 -5.39 1.12
O2 BCT I . 10.36 -3.47 1.69
O3 BCT I . 10.85 -3.87 -0.46
#